data_5E52
#
_entry.id   5E52
#
_cell.length_a   83.770
_cell.length_b   154.518
_cell.length_c   90.417
_cell.angle_alpha   90.000
_cell.angle_beta   90.000
_cell.angle_gamma   90.000
#
_symmetry.space_group_name_H-M   'C 2 2 21'
#
loop_
_entity.id
_entity.type
_entity.pdbx_description
1 polymer Contactin-5
2 non-polymer 'PHOSPHATE ION'
3 water water
#
_entity_poly.entity_id   1
_entity_poly.type   'polypeptide(L)'
_entity_poly.pdbx_seq_one_letter_code
;PGPPGIVIVEEITESTATLSWSPAADNHSPISSYNLQARSPFSLGWQTVKTVPEIITGDMESAMAVDLNPWVEYEFRVVA
TNPIGTGDPSTPSRMIRTNEAVPKTAPTNVSGRSGRRHELVIAWEPVSEEFQNGEGFGYIVAFRPNGTRGWKEKMVTSSE
ASKFIYRDESVPPLTPFEVKVGVYNNKGDGPFSQIVVICSAEGEPSAAPTDVKATSVSVSEILVAWKHIKESLGRPQGFE
VGYWKDMEQEDTAETVKTRGNESFVILTGLEGNTLYHFTVRAYNGAGYGPPSSEVSATT
;
_entity_poly.pdbx_strand_id   A
#
loop_
_chem_comp.id
_chem_comp.type
_chem_comp.name
_chem_comp.formula
PO4 non-polymer 'PHOSPHATE ION' 'O4 P -3'
#
# COMPACT_ATOMS: atom_id res chain seq x y z
N PRO A 1 -39.15 -11.92 -10.85
CA PRO A 1 -38.52 -11.47 -12.11
C PRO A 1 -37.46 -12.43 -12.62
N GLY A 2 -37.61 -12.90 -13.85
CA GLY A 2 -36.73 -13.91 -14.41
C GLY A 2 -35.37 -13.37 -14.85
N PRO A 3 -34.60 -14.19 -15.57
CA PRO A 3 -33.27 -13.73 -16.00
C PRO A 3 -33.23 -13.22 -17.43
N PRO A 4 -32.59 -12.06 -17.64
CA PRO A 4 -32.29 -11.51 -18.98
C PRO A 4 -31.55 -12.54 -19.82
N GLY A 5 -31.86 -12.59 -21.11
CA GLY A 5 -31.43 -13.67 -21.98
C GLY A 5 -29.99 -13.56 -22.45
N ILE A 6 -29.68 -12.47 -23.13
CA ILE A 6 -28.33 -12.24 -23.61
C ILE A 6 -27.85 -10.90 -23.15
N VAL A 7 -26.54 -10.79 -22.94
CA VAL A 7 -25.98 -9.51 -22.62
C VAL A 7 -24.94 -9.20 -23.68
N ILE A 8 -25.23 -8.14 -24.43
CA ILE A 8 -24.41 -7.71 -25.54
C ILE A 8 -23.54 -6.54 -25.10
N VAL A 9 -22.22 -6.64 -25.28
CA VAL A 9 -21.35 -5.50 -25.01
C VAL A 9 -21.09 -4.76 -26.32
N GLU A 10 -21.57 -3.52 -26.40
CA GLU A 10 -21.61 -2.77 -27.65
C GLU A 10 -20.39 -1.86 -27.88
N GLU A 11 -20.07 -1.02 -26.90
CA GLU A 11 -18.92 -0.13 -26.99
C GLU A 11 -17.97 -0.34 -25.81
N ILE A 12 -16.69 -0.07 -26.04
CA ILE A 12 -15.62 -0.28 -25.03
C ILE A 12 -14.60 0.84 -25.04
N THR A 13 -14.25 1.34 -23.86
CA THR A 13 -13.25 2.39 -23.80
C THR A 13 -12.14 2.12 -22.74
N GLU A 14 -11.64 3.19 -22.15
CA GLU A 14 -10.60 3.11 -21.14
C GLU A 14 -11.23 2.74 -19.81
N SER A 15 -12.47 3.18 -19.61
CA SER A 15 -13.08 3.12 -18.29
C SER A 15 -14.58 2.98 -18.40
N THR A 16 -15.02 2.52 -19.57
CA THR A 16 -16.44 2.41 -19.87
C THR A 16 -16.69 1.20 -20.74
N ALA A 17 -17.76 0.47 -20.39
CA ALA A 17 -18.37 -0.47 -21.31
C ALA A 17 -19.85 -0.15 -21.41
N THR A 18 -20.37 -0.18 -22.63
CA THR A 18 -21.77 0.06 -22.84
C THR A 18 -22.42 -1.26 -23.25
N LEU A 19 -23.53 -1.63 -22.62
CA LEU A 19 -24.10 -2.93 -22.91
C LEU A 19 -25.63 -2.95 -22.86
N SER A 20 -26.22 -3.84 -23.67
CA SER A 20 -27.66 -4.03 -23.71
C SER A 20 -28.05 -5.50 -23.46
N TRP A 21 -29.35 -5.74 -23.30
CA TRP A 21 -29.85 -7.06 -22.97
C TRP A 21 -31.30 -7.17 -23.36
N SER A 22 -31.74 -8.37 -23.75
CA SER A 22 -33.18 -8.58 -23.99
C SER A 22 -33.84 -8.59 -22.63
N PRO A 23 -35.07 -8.10 -22.53
CA PRO A 23 -35.63 -7.84 -21.20
C PRO A 23 -35.83 -9.11 -20.39
N ALA A 24 -36.14 -8.93 -19.10
CA ALA A 24 -36.39 -10.05 -18.21
C ALA A 24 -37.89 -10.23 -17.97
N ALA A 25 -38.37 -11.48 -18.04
CA ALA A 25 -39.79 -11.76 -17.86
C ALA A 25 -40.27 -11.30 -16.49
N ASP A 26 -40.95 -10.16 -16.46
CA ASP A 26 -41.63 -9.71 -15.25
C ASP A 26 -42.71 -10.73 -14.89
N ASN A 27 -42.72 -11.14 -13.64
CA ASN A 27 -43.67 -12.13 -13.19
C ASN A 27 -44.95 -11.47 -12.71
N HIS A 28 -45.64 -10.85 -13.67
CA HIS A 28 -46.86 -10.06 -13.44
C HIS A 28 -46.61 -8.81 -12.59
N SER A 29 -45.35 -8.53 -12.30
CA SER A 29 -44.98 -7.35 -11.53
C SER A 29 -44.00 -6.46 -12.30
N PRO A 30 -44.46 -5.25 -12.67
CA PRO A 30 -43.68 -4.27 -13.43
C PRO A 30 -42.29 -4.02 -12.83
N ILE A 31 -41.27 -4.47 -13.56
CA ILE A 31 -39.88 -4.31 -13.14
C ILE A 31 -39.56 -2.87 -12.78
N SER A 32 -39.14 -2.66 -11.54
CA SER A 32 -38.75 -1.35 -11.09
C SER A 32 -37.43 -0.92 -11.72
N SER A 33 -36.47 -1.83 -11.79
CA SER A 33 -35.15 -1.48 -12.27
C SER A 33 -34.26 -2.68 -12.63
N TYR A 34 -33.12 -2.36 -13.23
CA TYR A 34 -32.06 -3.31 -13.50
C TYR A 34 -30.77 -2.86 -12.80
N ASN A 35 -30.00 -3.81 -12.27
CA ASN A 35 -28.63 -3.53 -11.81
C ASN A 35 -27.60 -4.13 -12.75
N LEU A 36 -26.52 -3.40 -12.99
CA LEU A 36 -25.41 -3.95 -13.74
C LEU A 36 -24.37 -4.58 -12.82
N GLN A 37 -23.79 -5.72 -13.23
CA GLN A 37 -22.76 -6.38 -12.44
C GLN A 37 -21.56 -6.78 -13.27
N ALA A 38 -20.37 -6.76 -12.64
CA ALA A 38 -19.10 -6.97 -13.34
C ALA A 38 -18.16 -7.90 -12.58
N ARG A 39 -17.27 -8.57 -13.33
CA ARG A 39 -16.25 -9.37 -12.67
C ARG A 39 -14.95 -9.44 -13.46
N SER A 40 -13.86 -9.05 -12.80
CA SER A 40 -12.52 -9.11 -13.37
C SER A 40 -11.81 -10.29 -12.76
N PRO A 41 -10.62 -10.65 -13.28
CA PRO A 41 -9.86 -11.73 -12.65
C PRO A 41 -9.43 -11.39 -11.23
N PHE A 42 -9.55 -10.13 -10.82
CA PHE A 42 -9.05 -9.73 -9.52
C PHE A 42 -10.20 -9.56 -8.55
N SER A 43 -11.42 -9.62 -9.07
CA SER A 43 -12.62 -9.54 -8.24
C SER A 43 -12.75 -10.77 -7.37
N LEU A 44 -13.13 -10.57 -6.11
CA LEU A 44 -13.41 -11.72 -5.25
C LEU A 44 -14.72 -12.38 -5.70
N GLY A 45 -15.65 -11.55 -6.20
CA GLY A 45 -16.88 -12.03 -6.77
C GLY A 45 -17.51 -10.95 -7.64
N TRP A 46 -18.72 -11.20 -8.12
CA TRP A 46 -19.44 -10.21 -8.92
C TRP A 46 -19.77 -8.99 -8.06
N GLN A 47 -19.92 -7.81 -8.68
CA GLN A 47 -20.29 -6.60 -7.95
C GLN A 47 -21.09 -5.62 -8.84
N THR A 48 -22.09 -4.96 -8.26
CA THR A 48 -22.85 -3.94 -9.00
C THR A 48 -21.94 -2.75 -9.28
N VAL A 49 -22.10 -2.15 -10.46
CA VAL A 49 -21.20 -1.08 -10.88
C VAL A 49 -21.93 0.25 -11.05
N LYS A 50 -21.19 1.36 -10.99
CA LYS A 50 -21.75 2.66 -11.34
C LYS A 50 -22.23 2.60 -12.77
N THR A 51 -23.34 3.27 -13.04
CA THR A 51 -23.93 3.20 -14.37
C THR A 51 -24.27 4.57 -14.95
N VAL A 52 -24.53 4.59 -16.25
CA VAL A 52 -25.05 5.76 -16.95
C VAL A 52 -26.27 5.30 -17.74
N PRO A 53 -27.46 5.82 -17.43
CA PRO A 53 -27.71 6.81 -16.36
C PRO A 53 -27.56 6.22 -14.97
N GLU A 54 -27.80 7.03 -13.93
CA GLU A 54 -27.50 6.61 -12.56
C GLU A 54 -28.39 5.45 -12.09
N ILE A 55 -29.69 5.62 -12.25
CA ILE A 55 -30.67 4.55 -12.05
C ILE A 55 -31.05 4.00 -13.41
N ILE A 56 -31.04 2.68 -13.54
CA ILE A 56 -31.53 2.04 -14.75
C ILE A 56 -32.98 1.62 -14.55
N THR A 57 -33.92 2.37 -15.12
CA THR A 57 -35.34 2.10 -14.92
C THR A 57 -35.79 0.83 -15.61
N GLY A 58 -37.01 0.39 -15.30
CA GLY A 58 -37.52 -0.90 -15.76
C GLY A 58 -37.70 -1.08 -17.25
N ASP A 59 -37.89 0.01 -17.98
CA ASP A 59 -38.12 -0.12 -19.41
C ASP A 59 -36.84 0.09 -20.22
N MET A 60 -35.72 0.27 -19.53
CA MET A 60 -34.45 0.41 -20.23
C MET A 60 -33.87 -0.96 -20.57
N GLU A 61 -33.26 -1.06 -21.74
CA GLU A 61 -32.67 -2.33 -22.19
C GLU A 61 -31.18 -2.18 -22.42
N SER A 62 -30.65 -0.99 -22.18
CA SER A 62 -29.22 -0.75 -22.35
C SER A 62 -28.71 0.35 -21.43
N ALA A 63 -27.47 0.21 -21.00
CA ALA A 63 -26.86 1.23 -20.17
C ALA A 63 -25.34 1.11 -20.22
N MET A 64 -24.66 2.06 -19.59
CA MET A 64 -23.22 2.15 -19.64
C MET A 64 -22.61 1.90 -18.26
N ALA A 65 -21.65 0.97 -18.18
CA ALA A 65 -20.89 0.75 -16.95
C ALA A 65 -19.74 1.73 -16.90
N VAL A 66 -19.46 2.24 -15.70
CA VAL A 66 -18.48 3.32 -15.55
C VAL A 66 -17.39 3.00 -14.53
N ASP A 67 -16.32 3.79 -14.57
CA ASP A 67 -15.19 3.65 -13.67
C ASP A 67 -14.65 2.23 -13.70
N LEU A 68 -14.41 1.72 -14.91
CA LEU A 68 -13.67 0.48 -15.05
C LEU A 68 -12.20 0.88 -15.06
N ASN A 69 -11.32 -0.10 -14.96
CA ASN A 69 -9.90 0.20 -15.03
C ASN A 69 -9.35 -0.09 -16.41
N PRO A 70 -8.47 0.78 -16.90
CA PRO A 70 -7.87 0.49 -18.21
C PRO A 70 -7.12 -0.84 -18.23
N TRP A 71 -7.24 -1.54 -19.34
CA TRP A 71 -6.50 -2.78 -19.59
C TRP A 71 -6.81 -3.90 -18.60
N VAL A 72 -8.05 -3.94 -18.16
CA VAL A 72 -8.52 -5.00 -17.30
C VAL A 72 -9.58 -5.82 -17.99
N GLU A 73 -9.54 -7.15 -17.84
CA GLU A 73 -10.57 -7.98 -18.45
C GLU A 73 -11.85 -7.98 -17.61
N TYR A 74 -12.97 -7.59 -18.21
CA TYR A 74 -14.24 -7.61 -17.49
C TYR A 74 -15.26 -8.52 -18.15
N GLU A 75 -16.16 -9.05 -17.32
CA GLU A 75 -17.32 -9.83 -17.74
C GLU A 75 -18.55 -9.20 -17.12
N PHE A 76 -19.66 -9.15 -17.85
CA PHE A 76 -20.83 -8.46 -17.32
C PHE A 76 -22.07 -9.31 -17.27
N ARG A 77 -22.95 -8.98 -16.35
CA ARG A 77 -24.22 -9.64 -16.27
C ARG A 77 -25.24 -8.69 -15.67
N VAL A 78 -26.52 -8.99 -15.87
CA VAL A 78 -27.62 -8.09 -15.54
C VAL A 78 -28.62 -8.78 -14.63
N VAL A 79 -29.15 -8.04 -13.67
CA VAL A 79 -30.14 -8.60 -12.75
C VAL A 79 -31.34 -7.68 -12.59
N ALA A 80 -32.54 -8.25 -12.78
CA ALA A 80 -33.79 -7.50 -12.72
C ALA A 80 -34.34 -7.42 -11.30
N THR A 81 -35.29 -6.51 -11.09
CA THR A 81 -35.91 -6.30 -9.78
C THR A 81 -37.41 -5.94 -9.82
N ASN A 82 -38.24 -6.71 -9.13
CA ASN A 82 -39.59 -6.25 -8.84
C ASN A 82 -39.94 -6.50 -7.38
N PRO A 83 -40.88 -5.72 -6.83
CA PRO A 83 -41.35 -5.87 -5.45
C PRO A 83 -42.16 -7.15 -5.23
N THR A 86 -36.36 -8.66 -6.55
CA THR A 86 -35.07 -8.84 -7.23
C THR A 86 -34.80 -10.32 -7.53
N GLY A 87 -34.72 -10.65 -8.81
CA GLY A 87 -34.64 -12.03 -9.24
C GLY A 87 -33.26 -12.44 -9.71
N ASP A 88 -33.20 -13.55 -10.45
CA ASP A 88 -31.97 -14.18 -10.98
C ASP A 88 -31.09 -13.24 -11.85
N PRO A 89 -29.76 -13.44 -11.85
CA PRO A 89 -28.87 -12.75 -12.81
C PRO A 89 -28.71 -13.49 -14.15
N SER A 90 -28.27 -12.77 -15.17
CA SER A 90 -28.17 -13.32 -16.50
C SER A 90 -26.98 -14.24 -16.65
N THR A 91 -26.92 -14.95 -17.77
CA THR A 91 -25.66 -15.58 -18.15
C THR A 91 -24.77 -14.43 -18.57
N PRO A 92 -23.49 -14.49 -18.17
CA PRO A 92 -22.55 -13.39 -18.37
C PRO A 92 -22.29 -13.07 -19.83
N SER A 93 -21.97 -11.79 -20.10
CA SER A 93 -21.58 -11.34 -21.42
C SER A 93 -20.25 -11.98 -21.80
N ARG A 94 -19.79 -11.76 -23.03
CA ARG A 94 -18.46 -12.21 -23.43
C ARG A 94 -17.42 -11.54 -22.58
N MET A 95 -16.20 -12.07 -22.62
CA MET A 95 -15.04 -11.42 -21.99
C MET A 95 -14.52 -10.30 -22.88
N ILE A 96 -14.49 -9.08 -22.36
CA ILE A 96 -13.82 -8.00 -23.04
C ILE A 96 -12.66 -7.53 -22.17
N ARG A 97 -11.88 -6.61 -22.73
CA ARG A 97 -10.80 -5.98 -21.99
C ARG A 97 -10.67 -4.53 -22.43
N THR A 98 -10.93 -3.61 -21.50
CA THR A 98 -10.87 -2.18 -21.74
C THR A 98 -9.56 -1.76 -22.44
N ASN A 99 -9.58 -0.62 -23.14
CA ASN A 99 -8.38 -0.13 -23.83
C ASN A 99 -7.28 0.33 -22.88
N GLU A 100 -6.04 0.22 -23.35
CA GLU A 100 -4.86 0.66 -22.61
C GLU A 100 -4.89 2.15 -22.38
N ALA A 101 -4.38 2.57 -21.22
CA ALA A 101 -4.17 3.99 -20.93
C ALA A 101 -2.77 4.25 -20.30
N VAL A 102 -2.42 5.48 -19.99
CA VAL A 102 -1.15 5.67 -19.29
C VAL A 102 -1.38 5.17 -17.86
N PRO A 103 -0.31 4.77 -17.15
CA PRO A 103 -0.47 4.35 -15.76
C PRO A 103 -0.91 5.53 -14.92
N LYS A 104 -1.61 5.27 -13.83
CA LYS A 104 -2.20 6.34 -13.04
C LYS A 104 -1.86 6.16 -11.58
N THR A 105 -1.07 5.14 -11.29
CA THR A 105 -0.91 4.68 -9.93
C THR A 105 0.54 4.32 -9.65
N ALA A 106 1.23 5.16 -8.88
CA ALA A 106 2.64 4.94 -8.53
C ALA A 106 2.76 4.02 -7.33
N PRO A 107 3.92 3.35 -7.20
CA PRO A 107 4.05 2.37 -6.11
C PRO A 107 4.10 3.03 -4.74
N THR A 108 3.57 2.28 -3.76
CA THR A 108 3.61 2.66 -2.35
C THR A 108 4.88 2.16 -1.66
N ASN A 109 5.04 2.62 -0.42
CA ASN A 109 6.13 2.19 0.45
C ASN A 109 7.50 2.30 -0.23
N VAL A 110 7.90 3.53 -0.57
CA VAL A 110 9.22 3.79 -1.14
C VAL A 110 10.23 4.04 -0.03
N SER A 111 11.21 3.14 0.06
CA SER A 111 12.08 3.03 1.22
C SER A 111 13.53 2.79 0.86
N GLY A 112 14.41 3.04 1.81
CA GLY A 112 15.79 2.64 1.68
C GLY A 112 15.96 1.30 2.37
N ARG A 113 16.79 0.44 1.80
CA ARG A 113 17.20 -0.76 2.50
C ARG A 113 18.70 -0.68 2.76
N SER A 114 19.21 -1.52 3.64
CA SER A 114 20.64 -1.59 3.86
C SER A 114 21.35 -2.18 2.65
N GLY A 115 22.61 -1.83 2.46
CA GLY A 115 23.41 -2.37 1.37
C GLY A 115 24.87 -2.35 1.77
N ARG A 116 25.75 -2.40 0.79
CA ARG A 116 27.18 -2.24 1.00
C ARG A 116 27.52 -0.76 1.27
N ARG A 117 28.77 -0.48 1.65
CA ARG A 117 29.14 0.82 2.18
C ARG A 117 28.79 1.96 1.26
N HIS A 118 28.98 1.75 -0.05
CA HIS A 118 28.82 2.80 -1.05
C HIS A 118 27.69 2.44 -2.00
N GLU A 119 26.58 1.98 -1.43
CA GLU A 119 25.42 1.61 -2.22
C GLU A 119 24.20 2.35 -1.73
N LEU A 120 23.44 2.90 -2.67
CA LEU A 120 22.15 3.48 -2.36
C LEU A 120 21.08 2.48 -2.74
N VAL A 121 20.37 1.97 -1.75
CA VAL A 121 19.41 0.93 -2.06
C VAL A 121 17.99 1.43 -1.87
N ILE A 122 17.27 1.49 -2.99
CA ILE A 122 15.93 2.02 -3.03
C ILE A 122 14.96 0.88 -3.29
N ALA A 123 13.93 0.78 -2.45
CA ALA A 123 12.95 -0.30 -2.60
C ALA A 123 11.53 0.25 -2.58
N TRP A 124 10.57 -0.56 -3.04
CA TRP A 124 9.16 -0.14 -3.09
C TRP A 124 8.27 -1.36 -3.25
N GLU A 125 6.97 -1.21 -2.97
CA GLU A 125 5.98 -2.27 -3.24
C GLU A 125 5.43 -2.20 -4.66
N PRO A 126 5.67 -3.25 -5.46
CA PRO A 126 5.27 -3.32 -6.88
C PRO A 126 3.77 -3.05 -7.11
N VAL A 127 3.40 -2.77 -8.36
CA VAL A 127 2.01 -2.44 -8.68
C VAL A 127 1.35 -3.58 -9.45
N SER A 128 0.15 -3.98 -9.02
CA SER A 128 -0.48 -5.20 -9.55
C SER A 128 -1.01 -5.03 -10.95
N GLU A 129 -1.23 -6.16 -11.60
CA GLU A 129 -1.74 -6.14 -12.96
C GLU A 129 -2.92 -5.19 -13.12
N GLU A 130 -3.76 -5.08 -12.10
CA GLU A 130 -4.99 -4.31 -12.30
C GLU A 130 -4.76 -2.82 -12.29
N PHE A 131 -3.51 -2.38 -12.12
CA PHE A 131 -3.26 -0.94 -12.15
C PHE A 131 -2.20 -0.45 -13.13
N GLN A 132 -1.63 -1.38 -13.86
CA GLN A 132 -0.62 -1.07 -14.86
C GLN A 132 -1.21 -0.39 -16.11
N ASN A 133 -2.52 -0.49 -16.28
CA ASN A 133 -3.24 0.12 -17.40
C ASN A 133 -2.71 -0.13 -18.80
N GLY A 134 -1.81 -1.08 -18.97
CA GLY A 134 -1.34 -1.39 -20.30
C GLY A 134 -0.13 -2.30 -20.34
N GLU A 135 0.24 -2.76 -21.53
CA GLU A 135 1.46 -3.55 -21.70
C GLU A 135 2.72 -2.72 -21.53
N GLY A 136 3.81 -3.38 -21.14
CA GLY A 136 5.10 -2.73 -21.06
C GLY A 136 5.33 -1.87 -19.83
N PHE A 137 4.76 -2.30 -18.72
CA PHE A 137 4.83 -1.55 -17.47
C PHE A 137 6.18 -1.70 -16.84
N GLY A 138 6.73 -0.58 -16.38
CA GLY A 138 7.99 -0.56 -15.68
C GLY A 138 7.98 0.62 -14.73
N TYR A 139 9.08 0.78 -13.98
CA TYR A 139 9.21 1.87 -13.05
C TYR A 139 10.31 2.84 -13.46
N ILE A 140 10.30 4.04 -12.88
CA ILE A 140 11.33 4.99 -13.18
C ILE A 140 11.85 5.51 -11.86
N VAL A 141 13.12 5.22 -11.58
CA VAL A 141 13.68 5.63 -10.32
C VAL A 141 14.50 6.90 -10.56
N ALA A 142 14.25 7.89 -9.70
CA ALA A 142 14.87 9.17 -9.86
C ALA A 142 15.38 9.58 -8.50
N PHE A 143 16.61 10.07 -8.47
CA PHE A 143 17.28 10.36 -7.21
C PHE A 143 18.37 11.41 -7.43
N ARG A 144 18.72 12.10 -6.35
CA ARG A 144 19.66 13.21 -6.36
C ARG A 144 20.16 13.35 -4.95
N PRO A 145 21.42 13.78 -4.74
CA PRO A 145 21.79 14.11 -3.36
C PRO A 145 20.87 15.20 -2.83
N ASN A 146 20.50 15.11 -1.56
CA ASN A 146 19.53 16.03 -0.98
C ASN A 146 20.05 17.47 -1.05
N GLY A 147 19.30 18.34 -1.73
CA GLY A 147 19.72 19.73 -1.93
C GLY A 147 20.51 19.91 -3.22
N THR A 148 20.22 19.08 -4.21
CA THR A 148 20.93 19.13 -5.49
C THR A 148 19.85 19.17 -6.55
N ARG A 149 20.10 19.83 -7.68
CA ARG A 149 19.01 20.08 -8.63
C ARG A 149 18.80 18.98 -9.67
N GLY A 150 19.87 18.56 -10.35
CA GLY A 150 19.73 17.53 -11.37
C GLY A 150 19.30 16.17 -10.86
N TRP A 151 18.36 15.55 -11.56
CA TRP A 151 17.94 14.19 -11.25
C TRP A 151 18.73 13.14 -12.03
N LYS A 152 19.31 12.17 -11.32
CA LYS A 152 19.72 10.93 -11.95
C LYS A 152 18.46 10.09 -12.11
N GLU A 153 18.38 9.31 -13.18
CA GLU A 153 17.23 8.45 -13.37
C GLU A 153 17.66 7.06 -13.85
N LYS A 154 16.76 6.11 -13.67
CA LYS A 154 16.99 4.75 -14.17
C LYS A 154 15.64 4.13 -14.59
N MET A 155 15.65 3.46 -15.73
CA MET A 155 14.49 2.78 -16.23
C MET A 155 14.52 1.33 -15.82
N VAL A 156 13.78 1.00 -14.76
CA VAL A 156 13.55 -0.39 -14.36
C VAL A 156 12.48 -1.05 -15.20
N THR A 157 12.87 -1.97 -16.07
CA THR A 157 11.95 -2.44 -17.09
C THR A 157 11.24 -3.75 -16.76
N SER A 158 11.04 -4.02 -15.48
CA SER A 158 10.33 -5.24 -15.06
C SER A 158 9.20 -4.88 -14.12
N SER A 159 7.97 -5.20 -14.50
CA SER A 159 6.80 -4.83 -13.72
C SER A 159 6.88 -5.37 -12.31
N GLU A 160 7.70 -6.42 -12.13
CA GLU A 160 7.80 -7.12 -10.85
C GLU A 160 8.97 -6.68 -9.98
N ALA A 161 9.74 -5.68 -10.42
CA ALA A 161 10.92 -5.26 -9.66
C ALA A 161 10.52 -4.52 -8.38
N SER A 162 11.23 -4.72 -7.27
CA SER A 162 10.88 -4.00 -6.02
C SER A 162 12.03 -3.24 -5.46
N LYS A 163 13.18 -3.34 -6.11
CA LYS A 163 14.30 -2.55 -5.62
C LYS A 163 15.29 -2.23 -6.72
N PHE A 164 16.17 -1.28 -6.41
CA PHE A 164 17.16 -0.76 -7.34
C PHE A 164 18.39 -0.28 -6.60
N ILE A 165 19.56 -0.60 -7.12
CA ILE A 165 20.82 -0.29 -6.43
C ILE A 165 21.66 0.63 -7.30
N TYR A 166 22.26 1.63 -6.65
CA TYR A 166 23.15 2.56 -7.32
C TYR A 166 24.46 2.50 -6.60
N ARG A 167 25.55 2.20 -7.31
CA ARG A 167 26.89 2.09 -6.71
C ARG A 167 27.75 3.27 -7.06
N ASP A 168 28.16 4.01 -6.03
CA ASP A 168 29.05 5.15 -6.20
C ASP A 168 30.04 5.20 -5.02
N GLU A 169 31.33 5.10 -5.30
CA GLU A 169 32.33 5.16 -4.24
C GLU A 169 32.46 6.55 -3.62
N SER A 170 32.29 7.59 -4.43
CA SER A 170 32.32 8.97 -3.94
C SER A 170 31.31 9.21 -2.82
N VAL A 171 30.23 8.46 -2.81
CA VAL A 171 29.19 8.66 -1.81
C VAL A 171 29.58 8.01 -0.50
N PRO A 172 29.80 8.82 0.55
CA PRO A 172 30.03 8.23 1.89
C PRO A 172 28.73 7.64 2.42
N PRO A 173 28.82 6.69 3.35
CA PRO A 173 27.63 6.05 3.92
C PRO A 173 26.74 7.03 4.68
N LEU A 174 25.43 6.80 4.65
CA LEU A 174 24.42 7.60 5.37
C LEU A 174 24.20 9.00 4.78
N THR A 175 24.48 9.12 3.49
CA THR A 175 24.17 10.34 2.73
C THR A 175 22.69 10.38 2.39
N PRO A 176 21.99 11.48 2.73
CA PRO A 176 20.56 11.54 2.43
C PRO A 176 20.27 11.83 0.96
N PHE A 177 19.45 11.01 0.31
CA PHE A 177 19.03 11.34 -1.04
C PHE A 177 17.55 11.67 -1.06
N GLU A 178 17.17 12.55 -1.97
CA GLU A 178 15.78 12.72 -2.37
C GLU A 178 15.51 11.63 -3.39
N VAL A 179 14.45 10.85 -3.20
CA VAL A 179 14.19 9.75 -4.10
C VAL A 179 12.72 9.66 -4.54
N LYS A 180 12.53 9.46 -5.84
CA LYS A 180 11.24 9.38 -6.51
C LYS A 180 11.15 8.06 -7.22
N VAL A 181 10.00 7.40 -7.14
CA VAL A 181 9.73 6.25 -8.01
C VAL A 181 8.44 6.46 -8.79
N GLY A 182 8.51 6.39 -10.12
CA GLY A 182 7.34 6.59 -10.94
C GLY A 182 7.03 5.36 -11.79
N VAL A 183 6.11 5.52 -12.72
CA VAL A 183 5.65 4.41 -13.53
C VAL A 183 5.49 4.80 -14.97
N TYR A 184 5.54 3.84 -15.87
CA TYR A 184 5.23 4.09 -17.26
C TYR A 184 4.71 2.80 -17.89
N ASN A 185 4.17 2.91 -19.09
CA ASN A 185 4.01 1.75 -19.96
C ASN A 185 4.07 2.25 -21.39
N ASN A 186 3.78 1.38 -22.35
CA ASN A 186 3.87 1.72 -23.76
C ASN A 186 2.91 2.83 -24.21
N LYS A 187 2.00 3.24 -23.35
CA LYS A 187 1.12 4.35 -23.69
C LYS A 187 1.71 5.66 -23.18
N GLY A 188 2.77 5.54 -22.41
CA GLY A 188 3.48 6.71 -21.98
C GLY A 188 3.77 6.77 -20.50
N ASP A 189 3.76 7.99 -19.98
CA ASP A 189 4.35 8.26 -18.68
C ASP A 189 3.29 8.42 -17.59
N GLY A 190 3.56 7.87 -16.41
CA GLY A 190 2.63 8.00 -15.30
C GLY A 190 3.18 8.88 -14.19
N PRO A 191 2.44 9.00 -13.07
CA PRO A 191 2.87 9.86 -11.96
C PRO A 191 4.07 9.31 -11.18
N PHE A 192 4.87 10.20 -10.61
CA PHE A 192 5.91 9.81 -9.65
C PHE A 192 5.32 9.64 -8.25
N SER A 193 5.96 8.82 -7.41
CA SER A 193 5.56 8.73 -6.00
C SER A 193 5.85 10.06 -5.32
N GLN A 194 5.45 10.22 -4.06
CA GLN A 194 5.93 11.40 -3.35
C GLN A 194 7.45 11.22 -3.17
N ILE A 195 8.17 12.34 -3.12
CA ILE A 195 9.60 12.33 -2.84
C ILE A 195 9.87 11.85 -1.42
N VAL A 196 10.59 10.73 -1.26
CA VAL A 196 11.07 10.36 0.06
C VAL A 196 12.55 10.64 0.21
N VAL A 197 12.97 10.97 1.44
CA VAL A 197 14.39 11.06 1.72
C VAL A 197 14.91 9.84 2.48
N ILE A 198 15.87 9.15 1.87
CA ILE A 198 16.44 7.97 2.50
C ILE A 198 17.98 7.97 2.41
N CYS A 199 18.62 7.45 3.46
CA CYS A 199 20.10 7.40 3.56
C CYS A 199 20.69 6.32 2.68
N SER A 200 21.94 6.53 2.27
CA SER A 200 22.67 5.49 1.56
C SER A 200 23.22 4.47 2.56
N ALA A 201 23.64 3.32 2.05
CA ALA A 201 24.22 2.22 2.82
C ALA A 201 23.27 1.54 3.81
N GLU A 202 22.51 2.29 4.60
CA GLU A 202 21.74 1.67 5.68
C GLU A 202 20.24 2.04 5.75
N GLY A 203 19.37 1.05 5.57
CA GLY A 203 17.94 1.25 5.74
C GLY A 203 17.61 1.45 7.22
N GLU A 204 16.49 2.11 7.51
CA GLU A 204 16.00 2.21 8.88
C GLU A 204 15.71 0.82 9.41
N PRO A 205 15.78 0.64 10.74
CA PRO A 205 15.44 -0.66 11.34
C PRO A 205 14.06 -1.11 10.87
N SER A 206 13.93 -2.38 10.52
CA SER A 206 12.82 -2.86 9.69
C SER A 206 11.62 -3.42 10.47
N ALA A 207 11.87 -4.00 11.64
CA ALA A 207 10.78 -4.57 12.44
C ALA A 207 10.86 -4.08 13.88
N ALA A 208 9.70 -4.03 14.55
CA ALA A 208 9.65 -3.55 15.93
C ALA A 208 10.36 -4.52 16.85
N PRO A 209 10.74 -4.05 18.04
CA PRO A 209 11.14 -5.02 19.08
C PRO A 209 9.98 -5.95 19.43
N THR A 210 10.29 -7.16 19.84
CA THR A 210 9.26 -8.12 20.21
C THR A 210 9.50 -8.61 21.62
N ASP A 211 8.58 -9.41 22.14
CA ASP A 211 8.71 -9.98 23.47
C ASP A 211 8.83 -8.91 24.53
N VAL A 212 8.35 -7.70 24.23
CA VAL A 212 8.54 -6.61 25.18
C VAL A 212 7.77 -6.87 26.45
N LYS A 213 8.49 -7.12 27.54
CA LYS A 213 7.87 -7.31 28.83
C LYS A 213 8.26 -6.18 29.77
N ALA A 214 7.36 -5.79 30.64
CA ALA A 214 7.66 -4.77 31.62
C ALA A 214 7.12 -5.17 32.99
N THR A 215 8.03 -5.28 33.95
CA THR A 215 7.67 -5.63 35.33
C THR A 215 8.35 -4.67 36.31
N SER A 216 7.60 -4.24 37.32
CA SER A 216 8.11 -3.27 38.26
C SER A 216 9.21 -3.87 39.14
N VAL A 217 10.01 -3.01 39.74
CA VAL A 217 11.16 -3.44 40.50
C VAL A 217 11.04 -2.99 41.93
N SER A 218 10.71 -1.71 42.12
CA SER A 218 10.48 -1.21 43.46
C SER A 218 9.24 -0.32 43.50
N VAL A 219 9.46 0.95 43.78
CA VAL A 219 8.37 1.91 43.80
C VAL A 219 8.90 3.18 43.14
N SER A 220 10.22 3.28 43.10
CA SER A 220 10.89 4.34 42.36
C SER A 220 11.42 3.83 41.04
N GLU A 221 11.21 2.54 40.78
CA GLU A 221 11.86 1.90 39.65
C GLU A 221 11.01 0.80 39.02
N ILE A 222 11.31 0.50 37.77
CA ILE A 222 10.59 -0.51 37.00
C ILE A 222 11.38 -0.85 35.73
N LEU A 223 11.43 -2.14 35.40
CA LEU A 223 12.30 -2.65 34.33
C LEU A 223 11.52 -3.02 33.07
N VAL A 224 12.13 -2.80 31.91
CA VAL A 224 11.54 -3.14 30.62
C VAL A 224 12.56 -3.87 29.76
N ALA A 225 12.16 -5.00 29.17
CA ALA A 225 13.11 -5.85 28.45
C ALA A 225 12.50 -6.45 27.20
N TRP A 226 13.32 -6.62 26.17
CA TRP A 226 12.83 -7.16 24.90
C TRP A 226 13.83 -8.14 24.29
N LYS A 227 13.35 -8.90 23.31
CA LYS A 227 14.17 -9.89 22.62
C LYS A 227 15.40 -9.25 22.05
N HIS A 228 16.55 -9.85 22.28
CA HIS A 228 17.79 -9.28 21.79
C HIS A 228 17.91 -9.42 20.28
N ILE A 229 18.32 -8.34 19.64
CA ILE A 229 18.57 -8.36 18.20
C ILE A 229 20.07 -8.27 17.92
N LYS A 230 20.54 -9.12 17.02
CA LYS A 230 21.96 -9.15 16.65
C LYS A 230 22.39 -7.87 15.94
N GLU A 231 23.58 -7.36 16.29
CA GLU A 231 24.11 -6.14 15.68
C GLU A 231 25.18 -6.44 14.62
N SER A 232 25.02 -5.89 13.43
CA SER A 232 26.04 -6.03 12.40
C SER A 232 27.31 -5.28 12.78
N LEU A 233 28.42 -5.70 12.18
CA LEU A 233 29.68 -5.06 12.46
C LEU A 233 29.79 -3.71 11.75
N GLY A 234 30.14 -2.68 12.50
CA GLY A 234 30.28 -1.35 11.93
C GLY A 234 28.94 -0.70 11.65
N ARG A 235 27.89 -1.24 12.25
CA ARG A 235 26.54 -0.70 12.07
C ARG A 235 25.86 -0.55 13.40
N PRO A 236 26.22 0.51 14.14
CA PRO A 236 25.68 0.67 15.50
C PRO A 236 24.15 0.74 15.55
N GLN A 237 23.58 0.12 16.57
CA GLN A 237 22.15 0.17 16.83
C GLN A 237 21.95 0.47 18.29
N GLY A 238 20.76 0.94 18.64
CA GLY A 238 20.40 1.15 20.03
C GLY A 238 18.92 0.96 20.09
N PHE A 239 18.31 1.35 21.21
CA PHE A 239 16.85 1.37 21.32
C PHE A 239 16.41 2.61 22.05
N GLU A 240 15.20 3.08 21.72
CA GLU A 240 14.59 4.16 22.50
C GLU A 240 13.32 3.66 23.16
N VAL A 241 13.20 3.93 24.45
CA VAL A 241 12.05 3.46 25.21
C VAL A 241 11.22 4.66 25.65
N GLY A 242 9.95 4.67 25.25
CA GLY A 242 9.06 5.77 25.58
C GLY A 242 8.16 5.38 26.73
N TYR A 243 8.20 6.15 27.82
CA TYR A 243 7.36 5.85 28.98
C TYR A 243 6.47 7.03 29.36
N TRP A 244 5.25 6.71 29.78
CA TRP A 244 4.30 7.72 30.25
C TRP A 244 3.35 7.09 31.26
N LYS A 245 2.51 7.92 31.88
CA LYS A 245 1.60 7.44 32.92
C LYS A 245 0.14 7.66 32.54
N GLU A 248 -2.70 9.50 30.71
CA GLU A 248 -2.19 10.51 29.79
C GLU A 248 -1.81 9.91 28.43
N GLN A 249 -1.60 10.79 27.46
CA GLN A 249 -1.32 10.41 26.07
C GLN A 249 0.16 10.14 25.83
N GLU A 250 0.46 9.28 24.86
CA GLU A 250 1.83 8.87 24.58
C GLU A 250 2.74 10.04 24.21
N ASP A 251 2.13 11.09 23.67
CA ASP A 251 2.85 12.26 23.15
C ASP A 251 3.68 12.98 24.24
N THR A 252 3.36 12.73 25.51
CA THR A 252 4.17 13.21 26.62
C THR A 252 5.32 12.21 26.84
N GLU A 254 8.13 10.96 26.96
CA GLU A 254 9.38 10.78 27.69
C GLU A 254 10.25 9.61 27.19
N THR A 255 11.52 9.88 26.87
CA THR A 255 12.39 8.85 26.29
C THR A 255 13.71 8.61 27.01
N VAL A 256 14.25 7.42 26.76
CA VAL A 256 15.53 6.94 27.27
C VAL A 256 16.18 6.11 26.18
N LYS A 257 17.48 6.27 25.95
CA LYS A 257 18.16 5.40 24.99
C LYS A 257 19.03 4.34 25.70
N THR A 258 19.31 3.24 25.00
CA THR A 258 20.09 2.18 25.59
C THR A 258 21.58 2.35 25.32
N ARG A 259 22.39 1.61 26.08
CA ARG A 259 23.83 1.54 25.89
C ARG A 259 24.13 0.58 24.74
N GLY A 260 24.20 1.14 23.53
CA GLY A 260 24.41 0.35 22.34
C GLY A 260 23.36 -0.73 22.21
N ASN A 261 23.75 -1.88 21.68
CA ASN A 261 22.79 -2.96 21.49
C ASN A 261 22.60 -3.76 22.77
N GLU A 262 21.83 -3.18 23.67
CA GLU A 262 21.34 -3.91 24.84
C GLU A 262 19.88 -4.14 24.64
N SER A 263 19.33 -5.11 25.35
CA SER A 263 17.95 -5.52 25.10
C SER A 263 17.11 -5.33 26.36
N PHE A 264 17.49 -4.36 27.17
CA PHE A 264 16.72 -4.03 28.37
C PHE A 264 17.20 -2.72 28.98
N VAL A 265 16.31 -2.07 29.74
CA VAL A 265 16.67 -0.89 30.52
C VAL A 265 15.92 -0.93 31.84
N ILE A 266 16.49 -0.30 32.85
CA ILE A 266 15.78 -0.05 34.09
C ILE A 266 15.51 1.45 34.23
N LEU A 267 14.29 1.80 34.61
CA LEU A 267 13.93 3.22 34.67
C LEU A 267 13.86 3.68 36.11
N THR A 268 14.66 4.69 36.45
CA THR A 268 14.75 5.18 37.82
C THR A 268 14.21 6.59 37.92
N GLY A 269 13.95 7.03 39.14
CA GLY A 269 13.42 8.36 39.37
C GLY A 269 11.96 8.46 38.94
N LEU A 270 11.17 7.48 39.36
CA LEU A 270 9.75 7.47 39.08
C LEU A 270 8.92 7.70 40.33
N GLU A 271 7.61 7.69 40.16
CA GLU A 271 6.71 7.93 41.27
C GLU A 271 6.16 6.63 41.80
N GLY A 272 5.91 6.61 43.10
CA GLY A 272 5.48 5.40 43.77
C GLY A 272 4.02 5.09 43.53
N ASN A 273 3.72 3.80 43.38
CA ASN A 273 2.35 3.33 43.25
C ASN A 273 1.70 3.92 42.00
N THR A 274 2.48 4.00 40.93
CA THR A 274 2.02 4.65 39.70
C THR A 274 2.11 3.72 38.49
N LEU A 275 1.00 3.59 37.77
CA LEU A 275 0.96 2.74 36.58
C LEU A 275 1.55 3.45 35.37
N TYR A 276 2.54 2.81 34.76
CA TYR A 276 3.20 3.35 33.58
C TYR A 276 2.92 2.53 32.32
N HIS A 277 3.10 3.14 31.16
CA HIS A 277 2.98 2.45 29.89
C HIS A 277 4.27 2.65 29.09
N PHE A 278 4.59 1.70 28.21
CA PHE A 278 5.86 1.71 27.50
C PHE A 278 5.74 1.23 26.06
N THR A 279 6.45 1.87 25.14
CA THR A 279 6.70 1.28 23.83
C THR A 279 8.18 1.42 23.53
N VAL A 280 8.68 0.48 22.75
CA VAL A 280 10.10 0.42 22.44
C VAL A 280 10.27 0.48 20.92
N ARG A 281 11.26 1.23 20.45
CA ARG A 281 11.58 1.19 19.04
C ARG A 281 13.09 1.22 18.81
N ALA A 282 13.53 0.56 17.75
CA ALA A 282 14.95 0.48 17.44
C ALA A 282 15.39 1.69 16.63
N TYR A 283 16.64 2.10 16.85
CA TYR A 283 17.22 3.17 16.06
C TYR A 283 18.62 2.78 15.61
N ASN A 284 19.00 3.28 14.44
CA ASN A 284 20.36 3.16 13.95
C ASN A 284 20.75 4.49 13.31
N GLY A 285 21.64 4.43 12.33
CA GLY A 285 22.13 5.65 11.71
C GLY A 285 21.24 6.24 10.63
N ALA A 286 20.13 5.60 10.34
CA ALA A 286 19.24 6.08 9.30
C ALA A 286 17.97 6.66 9.91
N GLY A 287 17.67 6.21 11.12
CA GLY A 287 16.54 6.73 11.88
C GLY A 287 15.91 5.73 12.83
N TYR A 288 14.59 5.79 12.96
CA TYR A 288 13.88 4.90 13.87
C TYR A 288 13.09 3.86 13.12
N GLY A 289 12.88 2.71 13.76
CA GLY A 289 12.05 1.65 13.22
C GLY A 289 10.66 1.76 13.80
N PRO A 290 9.76 0.84 13.41
CA PRO A 290 8.38 0.87 13.91
C PRO A 290 8.34 0.66 15.41
N PRO A 291 7.40 1.31 16.12
CA PRO A 291 7.36 1.15 17.57
C PRO A 291 6.74 -0.20 17.93
N SER A 292 6.99 -0.68 19.14
CA SER A 292 6.56 -2.02 19.52
C SER A 292 5.14 -1.99 20.05
N SER A 293 4.74 -3.11 20.65
CA SER A 293 3.40 -3.25 21.19
C SER A 293 3.36 -2.69 22.61
N GLU A 294 2.35 -1.86 22.87
CA GLU A 294 2.25 -1.13 24.13
C GLU A 294 2.06 -2.05 25.36
N VAL A 295 3.03 -2.06 26.25
CA VAL A 295 2.97 -2.85 27.48
C VAL A 295 2.90 -1.94 28.72
N SER A 296 2.88 -2.54 29.91
CA SER A 296 2.73 -1.75 31.14
C SER A 296 3.09 -2.48 32.43
N ALA A 297 3.25 -1.70 33.49
CA ALA A 297 3.46 -2.20 34.84
C ALA A 297 3.40 -1.06 35.85
N THR A 298 3.12 -1.40 37.11
CA THR A 298 2.91 -0.42 38.18
C THR A 298 3.91 -0.51 39.33
N THR A 299 4.49 0.63 39.70
CA THR A 299 5.37 0.71 40.85
C THR A 299 4.59 0.50 42.16
P PO4 B . 36.25 2.93 1.53
O1 PO4 B . 35.53 4.25 1.29
O2 PO4 B . 37.61 3.21 2.15
O3 PO4 B . 36.41 2.16 0.24
O4 PO4 B . 35.42 2.12 2.50
#